data_2OEE
#
_entry.id   2OEE
#
_cell.length_a   53.246
_cell.length_b   53.246
_cell.length_c   166.348
_cell.angle_alpha   90.00
_cell.angle_beta   90.00
_cell.angle_gamma   120.00
#
_symmetry.space_group_name_H-M   'P 32 2 1'
#
loop_
_entity.id
_entity.type
_entity.pdbx_description
1 polymer 'UPF0342 protein yheA'
2 non-polymer 'CALCIUM ION'
3 water water
#
_entity_poly.entity_id   1
_entity_poly.type   'polypeptide(L)'
_entity_poly.pdbx_seq_one_letter_code
;(MSE)AVNFYDVAYDLENALRGSEEFTRLKNLYDEVNADESAKR(MSE)FENFRDVQLRLQQKQ(MSE)AGEEITQEEVT
QAQKTVALVQQHEKISQL(MSE)EAEQR(MSE)S(MSE)LIGELNKII(MSE)KPLEELYGSVEG
;
_entity_poly.pdbx_strand_id   A,B
#
loop_
_chem_comp.id
_chem_comp.type
_chem_comp.name
_chem_comp.formula
CA non-polymer 'CALCIUM ION' 'Ca 2'
#
# COMPACT_ATOMS: atom_id res chain seq x y z
N VAL A 3 -15.46 -15.41 -16.37
CA VAL A 3 -15.07 -14.33 -17.34
C VAL A 3 -13.67 -14.57 -17.86
N ASN A 4 -13.34 -13.89 -18.97
CA ASN A 4 -12.02 -14.03 -19.54
C ASN A 4 -10.98 -13.21 -18.78
N PHE A 5 -9.88 -13.87 -18.49
CA PHE A 5 -8.78 -13.30 -17.76
C PHE A 5 -8.25 -11.99 -18.38
N TYR A 6 -8.16 -11.96 -19.72
CA TYR A 6 -7.71 -10.74 -20.41
C TYR A 6 -8.73 -9.62 -20.38
N ASP A 7 -10.00 -9.94 -20.57
CA ASP A 7 -11.08 -8.95 -20.38
C ASP A 7 -10.97 -8.25 -19.02
N VAL A 8 -10.81 -9.03 -17.96
CA VAL A 8 -10.70 -8.45 -16.62
C VAL A 8 -9.41 -7.65 -16.46
N ALA A 9 -8.30 -8.17 -16.99
CA ALA A 9 -7.01 -7.46 -16.94
C ALA A 9 -7.13 -6.05 -17.55
N TYR A 10 -7.90 -5.92 -18.65
CA TYR A 10 -8.10 -4.59 -19.25
C TYR A 10 -8.98 -3.70 -18.39
N ASP A 11 -9.94 -4.28 -17.67
CA ASP A 11 -10.69 -3.51 -16.68
C ASP A 11 -9.77 -3.07 -15.55
N LEU A 12 -8.81 -3.91 -15.19
CA LEU A 12 -7.88 -3.56 -14.11
C LEU A 12 -6.93 -2.46 -14.54
N GLU A 13 -6.44 -2.52 -15.78
CA GLU A 13 -5.66 -1.42 -16.36
C GLU A 13 -6.44 -0.08 -16.27
N ASN A 14 -7.72 -0.13 -16.62
CA ASN A 14 -8.58 1.06 -16.55
C ASN A 14 -8.72 1.55 -15.11
N ALA A 15 -8.89 0.64 -14.17
CA ALA A 15 -8.97 0.99 -12.75
C ALA A 15 -7.69 1.72 -12.31
N LEU A 16 -6.54 1.19 -12.70
CA LEU A 16 -5.27 1.83 -12.40
C LEU A 16 -5.14 3.21 -13.06
N ARG A 17 -5.44 3.27 -14.35
CA ARG A 17 -5.43 4.56 -15.09
C ARG A 17 -6.26 5.65 -14.42
N GLY A 18 -7.41 5.26 -13.87
CA GLY A 18 -8.35 6.19 -13.30
C GLY A 18 -8.16 6.43 -11.82
N SER A 19 -7.17 5.78 -11.21
CA SER A 19 -7.01 5.86 -9.77
C SER A 19 -6.35 7.20 -9.35
N GLU A 20 -6.70 7.66 -8.15
CA GLU A 20 -6.06 8.85 -7.58
C GLU A 20 -4.55 8.58 -7.38
N GLU A 21 -4.19 7.33 -7.04
CA GLU A 21 -2.79 6.93 -6.93
C GLU A 21 -1.94 7.15 -8.18
N PHE A 22 -2.49 6.80 -9.35
CA PHE A 22 -1.81 7.06 -10.60
C PHE A 22 -1.70 8.57 -10.84
N THR A 23 -2.79 9.29 -10.58
CA THR A 23 -2.82 10.74 -10.76
C THR A 23 -1.75 11.42 -9.91
N ARG A 24 -1.63 10.98 -8.65
CA ARG A 24 -0.62 11.49 -7.73
C ARG A 24 0.80 11.22 -8.20
N LEU A 25 1.04 10.00 -8.71
CA LEU A 25 2.36 9.64 -9.23
C LEU A 25 2.71 10.47 -10.44
N LYS A 26 1.75 10.58 -11.35
CA LYS A 26 1.91 11.40 -12.56
C LYS A 26 2.17 12.86 -12.21
N ASN A 27 1.41 13.40 -11.26
CA ASN A 27 1.64 14.79 -10.86
C ASN A 27 3.03 15.05 -10.28
N LEU A 28 3.51 14.13 -9.43
CA LEU A 28 4.87 14.20 -8.87
C LEU A 28 5.93 14.07 -9.95
N TYR A 29 5.71 13.16 -10.89
CA TYR A 29 6.61 12.94 -11.99
C TYR A 29 6.74 14.22 -12.84
N ASP A 30 5.60 14.84 -13.14
CA ASP A 30 5.57 16.06 -13.96
C ASP A 30 6.18 17.25 -13.20
N GLU A 31 5.91 17.32 -11.90
CA GLU A 31 6.46 18.35 -11.02
C GLU A 31 7.98 18.29 -10.96
N VAL A 32 8.52 17.07 -10.80
CA VAL A 32 9.96 16.86 -10.84
C VAL A 32 10.54 17.23 -12.21
N ASN A 33 9.86 16.84 -13.28
CA ASN A 33 10.36 17.17 -14.62
C ASN A 33 10.27 18.66 -14.97
N ALA A 34 9.35 19.38 -14.36
CA ALA A 34 9.23 20.82 -14.56
C ALA A 34 10.28 21.63 -13.79
N ASP A 35 10.93 20.98 -12.83
CA ASP A 35 12.00 21.58 -12.03
C ASP A 35 13.34 21.20 -12.65
N GLU A 36 14.00 22.16 -13.29
CA GLU A 36 15.24 21.88 -14.01
C GLU A 36 16.29 21.18 -13.14
N SER A 37 16.50 21.65 -11.91
CA SER A 37 17.50 21.05 -11.03
C SER A 37 17.12 19.60 -10.65
N ALA A 38 15.85 19.41 -10.26
CA ALA A 38 15.36 18.09 -9.81
C ALA A 38 15.33 17.10 -10.98
N LYS A 39 14.87 17.56 -12.14
CA LYS A 39 14.85 16.71 -13.35
C LYS A 39 16.21 16.11 -13.57
N ARG A 40 17.25 16.95 -13.59
CA ARG A 40 18.64 16.48 -13.80
C ARG A 40 19.12 15.46 -12.76
N MSE A 41 18.83 15.70 -11.49
CA MSE A 41 19.22 14.78 -10.44
C MSE A 41 18.48 13.43 -10.57
O MSE A 41 19.09 12.37 -10.43
CB MSE A 41 18.93 15.40 -9.06
CG MSE A 41 19.77 16.64 -8.77
SE MSE A 41 19.06 17.63 -7.22
CE MSE A 41 19.34 16.30 -5.86
N PHE A 42 17.18 13.49 -10.82
CA PHE A 42 16.35 12.28 -10.94
C PHE A 42 16.78 11.47 -12.17
N GLU A 43 17.06 12.16 -13.28
CA GLU A 43 17.52 11.51 -14.50
C GLU A 43 18.89 10.84 -14.35
N ASN A 44 19.84 11.51 -13.70
CA ASN A 44 21.17 10.93 -13.47
C ASN A 44 21.09 9.71 -12.54
N PHE A 45 20.17 9.76 -11.59
CA PHE A 45 19.82 8.63 -10.76
C PHE A 45 19.24 7.44 -11.54
N ARG A 46 18.21 7.68 -12.30
CA ARG A 46 17.65 6.69 -13.15
C ARG A 46 18.68 6.05 -14.06
N ASP A 47 19.57 6.86 -14.64
CA ASP A 47 20.53 6.46 -15.62
C ASP A 47 21.63 5.60 -14.96
N VAL A 48 22.16 6.08 -13.86
CA VAL A 48 23.11 5.29 -13.14
C VAL A 48 22.66 3.89 -12.85
N GLN A 49 21.40 3.68 -12.49
CA GLN A 49 20.77 2.35 -12.64
C GLN A 49 20.34 1.77 -14.03
N LEU A 50 21.26 1.44 -14.93
CA LEU A 50 21.58 0.08 -15.34
C LEU A 50 22.78 -0.57 -14.61
N GLN A 69 29.45 4.13 -5.98
CA GLN A 69 29.09 5.24 -6.86
C GLN A 69 27.58 5.28 -7.14
N ALA A 70 27.03 4.10 -7.32
CA ALA A 70 25.65 3.81 -7.10
C ALA A 70 25.09 4.70 -5.99
N GLN A 71 25.47 4.42 -4.74
CA GLN A 71 24.55 3.81 -3.78
C GLN A 71 23.75 4.72 -2.76
N LYS A 72 24.01 6.00 -2.83
CA LYS A 72 25.00 6.44 -3.76
C LYS A 72 24.82 7.84 -4.26
N THR A 73 24.75 7.87 -5.55
CA THR A 73 23.73 8.58 -6.31
C THR A 73 22.36 8.55 -5.61
N VAL A 74 22.05 7.43 -4.95
CA VAL A 74 20.81 7.31 -4.18
C VAL A 74 20.76 8.36 -3.05
N ALA A 75 21.93 8.64 -2.45
CA ALA A 75 22.04 9.67 -1.40
C ALA A 75 21.81 11.07 -1.93
N LEU A 76 22.40 11.41 -3.07
CA LEU A 76 22.09 12.65 -3.78
C LEU A 76 20.58 12.88 -3.77
N VAL A 77 19.83 11.96 -4.37
CA VAL A 77 18.42 12.18 -4.62
C VAL A 77 17.54 12.12 -3.40
N GLN A 78 17.87 11.25 -2.45
CA GLN A 78 17.08 11.16 -1.23
C GLN A 78 17.09 12.42 -0.36
N GLN A 79 18.15 13.23 -0.49
CA GLN A 79 18.23 14.50 0.24
C GLN A 79 17.35 15.61 -0.35
N HIS A 80 16.72 15.34 -1.50
CA HIS A 80 15.82 16.31 -2.12
C HIS A 80 14.39 15.92 -1.79
N GLU A 81 13.67 16.76 -1.06
CA GLU A 81 12.34 16.38 -0.55
C GLU A 81 11.37 15.94 -1.67
N LYS A 82 11.22 16.76 -2.71
CA LYS A 82 10.24 16.49 -3.76
C LYS A 82 10.59 15.21 -4.52
N ILE A 83 11.85 15.05 -4.90
CA ILE A 83 12.27 13.81 -5.57
C ILE A 83 12.01 12.59 -4.67
N SER A 84 12.22 12.75 -3.37
CA SER A 84 12.00 11.65 -2.42
C SER A 84 10.54 11.25 -2.40
N GLN A 85 9.66 12.25 -2.50
CA GLN A 85 8.20 12.04 -2.57
C GLN A 85 7.80 11.26 -3.82
N LEU A 86 8.38 11.62 -4.96
CA LEU A 86 8.22 10.85 -6.19
C LEU A 86 8.72 9.40 -6.05
N MSE A 87 9.90 9.21 -5.48
CA MSE A 87 10.47 7.88 -5.26
C MSE A 87 9.63 7.07 -4.29
O MSE A 87 9.43 5.86 -4.51
CB MSE A 87 11.94 7.96 -4.80
CG MSE A 87 12.90 8.46 -5.93
SE MSE A 87 14.63 8.61 -5.39
CE MSE A 87 15.07 6.91 -5.00
N GLU A 88 9.10 7.73 -3.26
CA GLU A 88 8.17 7.08 -2.34
C GLU A 88 6.88 6.65 -3.07
N ALA A 89 6.31 7.55 -3.87
CA ALA A 89 5.13 7.21 -4.71
C ALA A 89 5.41 6.06 -5.68
N GLU A 90 6.60 6.04 -6.30
CA GLU A 90 7.04 4.88 -7.11
C GLU A 90 7.03 3.57 -6.33
N GLN A 91 7.64 3.57 -5.13
CA GLN A 91 7.71 2.37 -4.31
C GLN A 91 6.32 1.90 -3.86
N ARG A 92 5.45 2.85 -3.50
CA ARG A 92 4.05 2.50 -3.20
C ARG A 92 3.29 1.93 -4.43
N MSE A 93 3.54 2.46 -5.61
CA MSE A 93 2.99 1.85 -6.85
C MSE A 93 3.53 0.43 -7.01
O MSE A 93 2.78 -0.51 -7.36
CB MSE A 93 3.28 2.69 -8.10
CG MSE A 93 2.61 2.14 -9.40
SE MSE A 93 0.78 2.06 -9.33
CE MSE A 93 0.32 3.80 -9.24
N SER A 94 4.83 0.23 -6.77
CA SER A 94 5.41 -1.11 -6.86
C SER A 94 4.74 -2.06 -5.86
N MSE A 95 4.53 -1.58 -4.63
CA MSE A 95 3.82 -2.32 -3.57
CA MSE A 95 3.86 -2.40 -3.64
C MSE A 95 2.39 -2.68 -3.99
O MSE A 95 1.90 -3.78 -3.72
CB MSE A 95 3.80 -1.51 -2.26
CB MSE A 95 4.05 -1.84 -2.22
CG MSE A 95 5.17 -1.38 -1.55
CG MSE A 95 5.55 -1.78 -1.78
SE MSE A 95 5.19 -0.34 -0.06
SE MSE A 95 6.43 -3.36 -1.76
CE MSE A 95 4.73 -1.52 1.21
CE MSE A 95 7.12 -3.49 -3.41
N LEU A 96 1.70 -1.73 -4.63
CA LEU A 96 0.34 -1.97 -5.12
C LEU A 96 0.32 -3.11 -6.16
N ILE A 97 1.24 -3.06 -7.12
CA ILE A 97 1.32 -4.11 -8.12
C ILE A 97 1.63 -5.46 -7.43
N GLY A 98 2.53 -5.43 -6.46
CA GLY A 98 2.80 -6.58 -5.62
C GLY A 98 1.55 -7.14 -4.95
N GLU A 99 0.73 -6.27 -4.35
CA GLU A 99 -0.55 -6.69 -3.75
C GLU A 99 -1.48 -7.33 -4.78
N LEU A 100 -1.59 -6.72 -5.95
CA LEU A 100 -2.46 -7.28 -6.97
C LEU A 100 -2.02 -8.67 -7.35
N ASN A 101 -0.70 -8.84 -7.50
CA ASN A 101 -0.10 -10.14 -7.81
C ASN A 101 -0.36 -11.21 -6.75
N LYS A 102 -0.10 -10.88 -5.48
CA LYS A 102 -0.50 -11.76 -4.37
C LYS A 102 -1.99 -12.14 -4.39
N ILE A 103 -2.87 -11.18 -4.67
CA ILE A 103 -4.30 -11.47 -4.77
C ILE A 103 -4.60 -12.52 -5.85
N ILE A 104 -4.18 -12.23 -7.07
CA ILE A 104 -4.54 -13.07 -8.22
C ILE A 104 -3.83 -14.41 -8.22
N MSE A 105 -2.66 -14.48 -7.57
CA MSE A 105 -1.87 -15.71 -7.52
C MSE A 105 -2.22 -16.64 -6.34
O MSE A 105 -1.63 -17.72 -6.21
CB MSE A 105 -0.38 -15.38 -7.53
CG MSE A 105 0.10 -14.71 -8.85
SE MSE A 105 1.87 -14.36 -8.86
CE MSE A 105 2.52 -16.03 -8.81
N LYS A 106 -3.18 -16.23 -5.51
CA LYS A 106 -3.67 -17.06 -4.39
C LYS A 106 -4.02 -18.50 -4.80
N PRO A 107 -4.80 -18.67 -5.89
CA PRO A 107 -5.09 -20.06 -6.31
C PRO A 107 -3.83 -20.92 -6.57
N LEU A 108 -2.74 -20.30 -7.01
CA LEU A 108 -1.47 -21.01 -7.21
C LEU A 108 -0.82 -21.41 -5.88
N GLU A 109 -0.79 -20.48 -4.94
CA GLU A 109 -0.31 -20.72 -3.59
C GLU A 109 -1.11 -21.86 -2.91
N GLU A 110 -2.44 -21.88 -3.07
CA GLU A 110 -3.27 -22.97 -2.57
C GLU A 110 -2.83 -24.32 -3.16
N LEU A 111 -2.58 -24.33 -4.46
CA LEU A 111 -2.19 -25.55 -5.17
C LEU A 111 -0.89 -26.17 -4.66
N TYR A 112 0.13 -25.33 -4.45
CA TYR A 112 1.47 -25.79 -4.06
C TYR A 112 1.68 -25.88 -2.55
N VAL B 3 4.53 24.31 12.18
CA VAL B 3 3.20 23.86 12.66
C VAL B 3 3.36 22.79 13.74
N ASN B 4 2.33 22.64 14.57
CA ASN B 4 2.40 21.72 15.67
C ASN B 4 2.13 20.29 15.23
N PHE B 5 3.02 19.41 15.66
CA PHE B 5 2.98 17.99 15.37
C PHE B 5 1.62 17.32 15.70
N TYR B 6 1.04 17.64 16.86
CA TYR B 6 -0.29 17.13 17.22
C TYR B 6 -1.41 17.68 16.37
N ASP B 7 -1.39 18.98 16.08
CA ASP B 7 -2.36 19.56 15.13
C ASP B 7 -2.38 18.78 13.82
N VAL B 8 -1.20 18.51 13.27
CA VAL B 8 -1.12 17.82 11.99
C VAL B 8 -1.58 16.37 12.15
N ALA B 9 -1.21 15.71 13.25
CA ALA B 9 -1.63 14.35 13.52
C ALA B 9 -3.15 14.22 13.50
N TYR B 10 -3.87 15.20 14.06
CA TYR B 10 -5.34 15.16 14.01
C TYR B 10 -5.87 15.41 12.60
N ASP B 11 -5.17 16.20 11.81
CA ASP B 11 -5.52 16.30 10.40
C ASP B 11 -5.31 14.97 9.68
N LEU B 12 -4.28 14.24 10.09
CA LEU B 12 -3.96 12.95 9.46
C LEU B 12 -5.00 11.91 9.87
N GLU B 13 -5.41 11.93 11.13
CA GLU B 13 -6.50 11.06 11.58
C GLU B 13 -7.76 11.31 10.73
N ASN B 14 -8.09 12.57 10.49
CA ASN B 14 -9.22 12.96 9.65
C ASN B 14 -9.07 12.44 8.23
N ALA B 15 -7.89 12.59 7.65
CA ALA B 15 -7.61 12.06 6.31
C ALA B 15 -7.86 10.55 6.26
N LEU B 16 -7.37 9.83 7.25
CA LEU B 16 -7.63 8.39 7.34
C LEU B 16 -9.12 8.07 7.49
N ARG B 17 -9.79 8.75 8.41
CA ARG B 17 -11.24 8.57 8.61
C ARG B 17 -12.06 8.74 7.34
N GLY B 18 -11.67 9.71 6.52
CA GLY B 18 -12.39 10.05 5.31
C GLY B 18 -11.94 9.32 4.08
N SER B 19 -10.92 8.47 4.21
CA SER B 19 -10.35 7.80 3.04
C SER B 19 -11.25 6.66 2.52
N GLU B 20 -11.20 6.44 1.22
CA GLU B 20 -11.90 5.33 0.59
C GLU B 20 -11.36 3.99 1.17
N GLU B 21 -10.05 3.94 1.46
CA GLU B 21 -9.45 2.76 2.10
C GLU B 21 -10.08 2.37 3.44
N PHE B 22 -10.37 3.36 4.29
CA PHE B 22 -11.02 3.09 5.55
C PHE B 22 -12.46 2.61 5.34
N THR B 23 -13.17 3.27 4.41
CA THR B 23 -14.54 2.86 4.07
C THR B 23 -14.56 1.41 3.58
N ARG B 24 -13.61 1.05 2.73
CA ARG B 24 -13.48 -0.32 2.22
C ARG B 24 -13.24 -1.35 3.34
N LEU B 25 -12.33 -1.03 4.27
CA LEU B 25 -12.04 -1.89 5.39
C LEU B 25 -13.28 -2.06 6.27
N LYS B 26 -13.93 -0.95 6.58
CA LYS B 26 -15.12 -0.94 7.39
C LYS B 26 -16.24 -1.73 6.71
N ASN B 27 -16.42 -1.52 5.42
CA ASN B 27 -17.46 -2.27 4.69
C ASN B 27 -17.23 -3.79 4.72
N LEU B 28 -15.97 -4.21 4.50
CA LEU B 28 -15.59 -5.63 4.62
C LEU B 28 -15.78 -6.19 6.03
N TYR B 29 -15.41 -5.39 7.04
CA TYR B 29 -15.57 -5.78 8.42
C TYR B 29 -17.05 -6.04 8.73
N ASP B 30 -17.89 -5.09 8.33
CA ASP B 30 -19.34 -5.16 8.57
C ASP B 30 -19.98 -6.33 7.80
N GLU B 31 -19.49 -6.56 6.59
CA GLU B 31 -19.95 -7.65 5.75
C GLU B 31 -19.65 -9.01 6.41
N VAL B 32 -18.42 -9.18 6.88
CA VAL B 32 -18.03 -10.39 7.60
C VAL B 32 -18.88 -10.57 8.88
N ASN B 33 -19.06 -9.49 9.64
CA ASN B 33 -19.85 -9.58 10.86
C ASN B 33 -21.35 -9.84 10.60
N ALA B 34 -21.87 -9.41 9.47
CA ALA B 34 -23.27 -9.69 9.10
C ALA B 34 -23.49 -11.14 8.63
N ASP B 35 -22.40 -11.84 8.29
CA ASP B 35 -22.47 -13.25 7.85
C ASP B 35 -22.21 -14.12 9.08
N GLU B 36 -23.26 -14.76 9.59
CA GLU B 36 -23.13 -15.56 10.81
C GLU B 36 -21.98 -16.55 10.78
N SER B 37 -21.83 -17.28 9.68
CA SER B 37 -20.77 -18.28 9.58
C SER B 37 -19.38 -17.63 9.59
N ALA B 38 -19.22 -16.57 8.79
CA ALA B 38 -17.92 -15.87 8.65
C ALA B 38 -17.54 -15.17 9.96
N LYS B 39 -18.52 -14.56 10.61
CA LYS B 39 -18.29 -13.84 11.87
C LYS B 39 -17.66 -14.77 12.87
N ARG B 40 -18.25 -15.96 13.03
CA ARG B 40 -17.74 -17.00 13.94
C ARG B 40 -16.32 -17.47 13.63
N MSE B 41 -16.03 -17.71 12.35
CA MSE B 41 -14.68 -18.12 11.95
C MSE B 41 -13.63 -17.00 12.23
O MSE B 41 -12.52 -17.27 12.73
CB MSE B 41 -14.65 -18.49 10.45
CG MSE B 41 -15.58 -19.69 10.07
SE MSE B 41 -15.81 -19.94 8.28
CE MSE B 41 -16.72 -18.57 7.80
N PHE B 42 -14.00 -15.79 11.87
CA PHE B 42 -13.10 -14.63 11.99
C PHE B 42 -12.85 -14.29 13.47
N GLU B 43 -13.90 -14.38 14.28
CA GLU B 43 -13.74 -14.20 15.73
C GLU B 43 -12.87 -15.26 16.40
N ASN B 44 -13.10 -16.53 16.08
CA ASN B 44 -12.26 -17.60 16.63
C ASN B 44 -10.78 -17.45 16.24
N PHE B 45 -10.54 -17.03 15.00
CA PHE B 45 -9.21 -16.69 14.52
C PHE B 45 -8.55 -15.57 15.33
N ARG B 46 -9.25 -14.45 15.47
CA ARG B 46 -8.79 -13.31 16.27
C ARG B 46 -8.49 -13.66 17.73
N ASP B 47 -9.34 -14.51 18.32
CA ASP B 47 -9.20 -14.97 19.70
C ASP B 47 -7.98 -15.87 19.93
N VAL B 48 -7.88 -16.91 19.12
CA VAL B 48 -6.76 -17.82 19.16
C VAL B 48 -5.47 -17.06 19.02
N GLN B 49 -5.41 -16.21 18.03
CA GLN B 49 -4.24 -15.46 17.77
C GLN B 49 -3.96 -14.45 18.83
N LEU B 50 -4.96 -13.90 19.44
CA LEU B 50 -4.70 -12.99 20.50
C LEU B 50 -4.25 -13.59 21.82
N ARG B 51 -4.69 -14.81 22.15
CA ARG B 51 -4.23 -15.57 23.29
C ARG B 51 -2.74 -15.92 23.21
N GLN B 69 -1.51 -25.26 16.21
CA GLN B 69 -2.97 -25.14 16.33
C GLN B 69 -3.44 -23.74 15.98
N ALA B 70 -2.57 -22.75 16.22
CA ALA B 70 -2.84 -21.37 15.83
C ALA B 70 -2.64 -21.18 14.32
N GLN B 71 -1.67 -21.91 13.75
CA GLN B 71 -1.47 -21.90 12.31
C GLN B 71 -2.57 -22.68 11.58
N LYS B 72 -3.09 -23.72 12.24
CA LYS B 72 -4.30 -24.39 11.77
C LYS B 72 -5.40 -23.37 11.54
N THR B 73 -5.64 -22.51 12.53
CA THR B 73 -6.73 -21.54 12.45
C THR B 73 -6.54 -20.50 11.33
N VAL B 74 -5.29 -20.12 11.05
CA VAL B 74 -5.00 -19.22 9.93
C VAL B 74 -5.41 -19.87 8.61
N ALA B 75 -5.02 -21.13 8.41
CA ALA B 75 -5.41 -21.91 7.23
C ALA B 75 -6.92 -22.01 7.10
N LEU B 76 -7.61 -22.26 8.22
CA LEU B 76 -9.06 -22.28 8.25
C LEU B 76 -9.66 -21.01 7.63
N VAL B 77 -9.29 -19.83 8.16
CA VAL B 77 -9.89 -18.58 7.67
C VAL B 77 -9.45 -18.16 6.27
N GLN B 78 -8.22 -18.49 5.88
CA GLN B 78 -7.73 -18.16 4.54
C GLN B 78 -8.53 -18.84 3.44
N GLN B 79 -9.15 -19.97 3.75
CA GLN B 79 -9.93 -20.68 2.73
C GLN B 79 -11.29 -20.06 2.45
N HIS B 80 -11.67 -19.05 3.24
CA HIS B 80 -12.90 -18.32 3.04
C HIS B 80 -12.63 -17.04 2.27
N GLU B 81 -13.18 -16.93 1.06
CA GLU B 81 -12.82 -15.81 0.20
C GLU B 81 -13.06 -14.44 0.84
N LYS B 82 -14.24 -14.21 1.41
CA LYS B 82 -14.56 -12.88 1.92
C LYS B 82 -13.74 -12.52 3.15
N ILE B 83 -13.56 -13.48 4.06
CA ILE B 83 -12.68 -13.24 5.22
C ILE B 83 -11.27 -12.93 4.74
N SER B 84 -10.82 -13.62 3.68
CA SER B 84 -9.47 -13.40 3.16
C SER B 84 -9.35 -11.98 2.65
N GLN B 85 -10.42 -11.49 2.02
CA GLN B 85 -10.47 -10.10 1.53
C GLN B 85 -10.38 -9.10 2.67
N LEU B 86 -11.12 -9.36 3.76
CA LEU B 86 -11.01 -8.52 4.96
C LEU B 86 -9.57 -8.54 5.53
N MSE B 87 -9.00 -9.72 5.64
CA MSE B 87 -7.64 -9.86 6.16
C MSE B 87 -6.61 -9.18 5.27
O MSE B 87 -5.67 -8.55 5.78
CB MSE B 87 -7.26 -11.33 6.40
CG MSE B 87 -8.11 -11.97 7.53
SE MSE B 87 -7.71 -13.72 7.89
CE MSE B 87 -7.68 -14.46 6.32
N GLU B 88 -6.80 -9.28 3.95
CA GLU B 88 -5.93 -8.56 3.01
C GLU B 88 -6.05 -7.03 3.19
N ALA B 89 -7.28 -6.55 3.33
CA ALA B 89 -7.55 -5.13 3.64
C ALA B 89 -6.91 -4.66 4.94
N GLU B 90 -6.96 -5.51 5.99
CA GLU B 90 -6.21 -5.26 7.23
C GLU B 90 -4.70 -5.13 7.03
N GLN B 91 -4.13 -6.05 6.26
CA GLN B 91 -2.70 -6.03 6.00
C GLN B 91 -2.29 -4.79 5.19
N ARG B 92 -3.09 -4.45 4.19
CA ARG B 92 -2.88 -3.19 3.45
C ARG B 92 -2.99 -1.94 4.34
N MSE B 93 -3.94 -1.93 5.27
CA MSE B 93 -4.01 -0.83 6.24
C MSE B 93 -2.74 -0.80 7.11
O MSE B 93 -2.17 0.27 7.37
CB MSE B 93 -5.29 -0.93 7.09
CG MSE B 93 -5.49 0.26 8.11
SE MSE B 93 -5.63 1.89 7.32
CE MSE B 93 -7.19 1.77 6.47
N SER B 94 -2.28 -1.96 7.56
CA SER B 94 -1.03 -2.01 8.33
C SER B 94 0.15 -1.46 7.50
N MSE B 95 0.20 -1.82 6.22
CA MSE B 95 1.24 -1.32 5.35
C MSE B 95 1.14 0.19 5.12
O MSE B 95 2.15 0.87 5.07
CB MSE B 95 1.28 -2.13 4.04
CG MSE B 95 1.68 -3.62 4.31
SE MSE B 95 3.29 -3.97 5.13
CE MSE B 95 2.92 -3.94 6.88
N LEU B 96 -0.08 0.71 5.01
CA LEU B 96 -0.30 2.16 4.92
C LEU B 96 0.26 2.88 6.17
N ILE B 97 -0.08 2.36 7.35
CA ILE B 97 0.45 2.92 8.60
C ILE B 97 1.99 2.83 8.63
N GLY B 98 2.53 1.70 8.20
CA GLY B 98 3.97 1.56 8.01
C GLY B 98 4.59 2.61 7.08
N GLU B 99 3.93 2.89 5.94
CA GLU B 99 4.39 3.95 5.01
C GLU B 99 4.39 5.33 5.68
N LEU B 100 3.32 5.65 6.38
CA LEU B 100 3.25 6.94 7.07
C LEU B 100 4.38 7.08 8.07
N ASN B 101 4.65 6.02 8.83
CA ASN B 101 5.79 5.97 9.77
C ASN B 101 7.14 6.17 9.10
N LYS B 102 7.42 5.42 8.02
CA LYS B 102 8.62 5.68 7.22
C LYS B 102 8.73 7.14 6.75
N ILE B 103 7.63 7.73 6.29
CA ILE B 103 7.64 9.12 5.82
C ILE B 103 8.06 10.11 6.94
N ILE B 104 7.34 10.04 8.07
CA ILE B 104 7.57 11.00 9.15
C ILE B 104 8.87 10.74 9.89
N MSE B 105 9.34 9.51 9.89
CA MSE B 105 10.59 9.16 10.57
C MSE B 105 11.88 9.37 9.75
O MSE B 105 12.98 9.15 10.27
CB MSE B 105 10.53 7.73 11.14
CG MSE B 105 9.50 7.58 12.29
SE MSE B 105 9.34 5.87 12.90
CE MSE B 105 10.89 5.69 13.78
N LYS B 106 11.75 9.82 8.50
CA LYS B 106 12.93 10.09 7.64
C LYS B 106 13.96 11.04 8.30
N PRO B 107 13.50 12.14 8.94
CA PRO B 107 14.50 12.98 9.62
C PRO B 107 15.34 12.25 10.68
N LEU B 108 14.76 11.25 11.33
CA LEU B 108 15.48 10.41 12.29
C LEU B 108 16.49 9.51 11.57
N GLU B 109 16.07 8.89 10.48
CA GLU B 109 16.94 8.09 9.63
C GLU B 109 18.14 8.92 9.13
N GLU B 110 17.89 10.15 8.69
CA GLU B 110 18.95 11.08 8.28
C GLU B 110 19.95 11.31 9.42
N LEU B 111 19.42 11.58 10.61
CA LEU B 111 20.26 11.86 11.78
C LEU B 111 21.19 10.69 12.11
N TYR B 112 20.63 9.48 12.15
CA TYR B 112 21.38 8.27 12.45
C TYR B 112 22.02 7.69 11.20
CA CA C . 10.37 13.42 3.11
CA CA D . -8.91 -14.29 -2.77
#